data_4AW7
#
_entry.id   4AW7
#
_cell.length_a   71.330
_cell.length_b   87.700
_cell.length_c   114.450
_cell.angle_alpha   90.00
_cell.angle_beta   90.00
_cell.angle_gamma   90.00
#
_symmetry.space_group_name_H-M   'P 21 21 21'
#
loop_
_entity.id
_entity.type
_entity.pdbx_description
1 polymer 'GH86A BETA-PORPHYRANASE'
2 branched 6-O-sulfo-alpha-L-galactopyranose-(1-3)-beta-D-galactopyranose-(1-4)-3,6-anhydro-alpha-L-galactopyranose-(1-3)-beta-D-galactopyranose-(1-4)-6-O-sulfo-alpha-L-galactopyranose-(1-3)-alpha-D-galactopyranose
3 non-polymer 'CALCIUM ION'
4 non-polymer beta-D-galactopyranose
5 non-polymer 'CHLORIDE ION'
6 non-polymer 'POTASSIUM ION'
7 non-polymer 1,2-ETHANEDIOL
8 non-polymer 'IODIDE ION'
9 water water
#
_entity_poly.entity_id   1
_entity_poly.type   'polypeptide(L)'
_entity_poly.pdbx_seq_one_letter_code
;MGSSHHHHHHSSGLVPRGSHMASVDYNTRRFLSGVSELDRSKYFNIHSTSDDDKDVGKFLADYQVGLGRKFWGPYSYAYN
KTHEVGKYPQMKPYSGNISVKRYIATEHPYVQHIQGGIDVQAAGAWSAEYYSNSELVPEFFEPLNEPFVHANDAGFTVQG
QAMRELMVDFYASIGKHIHNNPRLNGKMKVIGYAAAYPAWEDGNFNYWNTRMKMFIDRAGAYMDGFSVHLYDGIVTGTDT
KRSGSNSEAVLDMVEAYSYIKFGHVKPLAISEFGGIDNSKPDDSYDDISSVRSVSSFNHFLFNLMERQDNLFISIPFVSD
KAEWHITAANNYTSYSAALFIPDNPQNLKNTTWRLNDKKYFFELWKNVKGERVDITSSNPDIQVQAFKDGGRLYIALDNL
DDNPQTVYLNNKNSWKDVSNVTKRSLYVNYNAGIEYTEQNVPSMPESISIVPNQTIVLVADVSSSAFTNSIIRNKYYSSE
YLKPISAGSSLSFPFTGIESGSGRASLRMSIGRPVSASKKPVVKINGTAVSVPDNWKGYGQSNRNIFFGMIEVPFDIQLL
KNGDNNVDITFSDGGGHVSSMILQVEKYTVS
;
_entity_poly.pdbx_strand_id   A
#
loop_
_chem_comp.id
_chem_comp.type
_chem_comp.name
_chem_comp.formula
AAL L-saccharide, alpha linking 3,6-anhydro-alpha-L-galactopyranose 'C6 H10 O5'
CA non-polymer 'CALCIUM ION' 'Ca 2'
CL non-polymer 'CHLORIDE ION' 'Cl -1'
EDO non-polymer 1,2-ETHANEDIOL 'C2 H6 O2'
GAL D-saccharide, beta linking beta-D-galactopyranose 'C6 H12 O6'
GLA D-saccharide, alpha linking alpha-D-galactopyranose 'C6 H12 O6'
IOD non-polymer 'IODIDE ION' 'I -1'
K non-polymer 'POTASSIUM ION' 'K 1'
L6S L-saccharide, alpha linking 6-O-sulfo-alpha-L-galactopyranose 'C6 H12 O9 S'
#
# COMPACT_ATOMS: atom_id res chain seq x y z
N HIS A 20 6.69 -20.17 -17.83
CA HIS A 20 5.81 -19.59 -16.78
C HIS A 20 4.34 -19.61 -17.18
N MET A 21 3.47 -19.80 -16.22
CA MET A 21 2.05 -19.91 -16.52
C MET A 21 1.19 -19.08 -15.58
N ALA A 22 0.03 -18.69 -16.05
CA ALA A 22 -0.99 -18.07 -15.25
C ALA A 22 -2.29 -18.75 -15.61
N SER A 23 -3.10 -19.03 -14.63
CA SER A 23 -4.36 -19.76 -14.86
C SER A 23 -5.47 -18.95 -14.27
N VAL A 24 -6.55 -18.78 -15.03
CA VAL A 24 -7.72 -18.02 -14.59
C VAL A 24 -8.91 -18.97 -14.60
N ASP A 25 -9.71 -18.97 -13.55
CA ASP A 25 -10.96 -19.74 -13.51
C ASP A 25 -12.09 -18.77 -13.23
N TYR A 26 -12.72 -18.28 -14.29
CA TYR A 26 -13.79 -17.34 -14.13
C TYR A 26 -15.10 -17.96 -13.63
N ASN A 27 -15.11 -19.28 -13.45
CA ASN A 27 -16.23 -19.95 -12.81
C ASN A 27 -16.05 -20.16 -11.32
N THR A 28 -14.94 -19.68 -10.77
CA THR A 28 -14.71 -19.75 -9.32
C THR A 28 -14.56 -18.33 -8.80
N ARG A 29 -15.47 -17.92 -7.94
CA ARG A 29 -15.38 -16.62 -7.30
C ARG A 29 -14.32 -16.66 -6.21
N ARG A 30 -13.51 -15.63 -6.08
CA ARG A 30 -12.45 -15.59 -5.08
C ARG A 30 -12.75 -14.49 -4.06
N PHE A 31 -12.51 -14.81 -2.78
CA PHE A 31 -12.67 -13.89 -1.68
C PHE A 31 -11.35 -13.70 -0.98
N LEU A 32 -11.10 -12.47 -0.55
CA LEU A 32 -10.09 -12.15 0.45
C LEU A 32 -10.86 -12.04 1.74
N SER A 33 -10.79 -13.09 2.55
CA SER A 33 -11.66 -13.25 3.73
C SER A 33 -13.10 -12.93 3.37
N GLY A 34 -13.67 -11.86 3.90
CA GLY A 34 -15.09 -11.54 3.65
C GLY A 34 -15.43 -10.78 2.39
N VAL A 35 -14.49 -10.42 1.53
CA VAL A 35 -14.79 -9.57 0.39
C VAL A 35 -14.29 -10.17 -0.90
N SER A 36 -15.11 -10.10 -1.93
CA SER A 36 -14.73 -10.46 -3.30
C SER A 36 -14.64 -9.27 -4.24
N GLU A 37 -15.65 -8.39 -4.19
CA GLU A 37 -15.69 -7.24 -5.08
C GLU A 37 -14.45 -6.38 -4.95
N LEU A 38 -13.93 -5.94 -6.08
CA LEU A 38 -12.90 -4.90 -6.08
C LEU A 38 -13.49 -3.59 -5.58
N ASP A 39 -12.84 -2.97 -4.61
CA ASP A 39 -13.23 -1.67 -4.13
C ASP A 39 -12.33 -0.64 -4.82
N ARG A 40 -12.83 -0.06 -5.91
CA ARG A 40 -12.02 0.89 -6.64
C ARG A 40 -11.55 2.06 -5.76
N SER A 41 -12.40 2.48 -4.81
CA SER A 41 -12.07 3.59 -3.95
C SER A 41 -10.90 3.35 -3.02
N LYS A 42 -10.47 2.10 -2.91
CA LYS A 42 -9.27 1.79 -2.13
C LYS A 42 -7.98 1.95 -2.90
N TYR A 43 -8.05 2.17 -4.22
CA TYR A 43 -6.90 2.13 -5.12
C TYR A 43 -6.80 3.27 -6.09
N PHE A 44 -7.87 3.52 -6.84
CA PHE A 44 -7.82 4.45 -7.97
C PHE A 44 -8.18 5.84 -7.52
N ASN A 45 -7.20 6.47 -6.89
CA ASN A 45 -7.30 7.76 -6.24
C ASN A 45 -6.14 8.63 -6.74
N ILE A 46 -6.29 9.93 -6.52
CA ILE A 46 -5.19 10.88 -6.64
C ILE A 46 -4.92 11.52 -5.26
N HIS A 47 -3.70 12.01 -5.10
CA HIS A 47 -3.25 12.64 -3.86
C HIS A 47 -3.66 14.11 -3.88
N SER A 48 -4.96 14.33 -3.73
CA SER A 48 -5.59 15.62 -3.89
C SER A 48 -6.91 15.63 -3.19
N THR A 49 -7.44 16.85 -2.94
CA THR A 49 -8.86 17.00 -2.66
C THR A 49 -9.48 18.07 -3.57
N SER A 50 -8.82 18.34 -4.71
CA SER A 50 -9.25 19.45 -5.58
C SER A 50 -10.40 19.09 -6.51
N ASP A 51 -11.42 18.38 -6.03
CA ASP A 51 -12.55 18.06 -6.88
C ASP A 51 -13.40 19.29 -7.19
N ASP A 52 -13.16 20.39 -6.48
CA ASP A 52 -13.84 21.66 -6.74
C ASP A 52 -13.18 22.46 -7.87
N ASP A 53 -12.06 21.99 -8.40
CA ASP A 53 -11.42 22.52 -9.58
C ASP A 53 -12.12 21.93 -10.80
N LYS A 54 -12.49 22.75 -11.80
CA LYS A 54 -13.22 22.24 -12.94
C LYS A 54 -12.44 21.19 -13.71
N ASP A 55 -11.16 21.42 -13.94
CA ASP A 55 -10.35 20.45 -14.67
C ASP A 55 -10.12 19.16 -13.90
N VAL A 56 -9.77 19.28 -12.62
CA VAL A 56 -9.62 18.06 -11.81
C VAL A 56 -10.92 17.31 -11.68
N GLY A 57 -12.03 18.03 -11.45
CA GLY A 57 -13.30 17.36 -11.28
C GLY A 57 -13.73 16.60 -12.51
N LYS A 58 -13.47 17.16 -13.69
CA LYS A 58 -13.77 16.49 -14.94
C LYS A 58 -12.91 15.22 -15.08
N PHE A 59 -11.62 15.33 -14.80
CA PHE A 59 -10.71 14.17 -14.84
C PHE A 59 -11.27 13.05 -13.92
N LEU A 60 -11.67 13.40 -12.71
CA LEU A 60 -12.16 12.39 -11.78
C LEU A 60 -13.32 11.62 -12.36
N ALA A 61 -14.27 12.31 -12.97
CA ALA A 61 -15.41 11.64 -13.59
C ALA A 61 -15.00 10.82 -14.81
N ASP A 62 -14.16 11.38 -15.67
CA ASP A 62 -13.76 10.76 -16.92
C ASP A 62 -12.98 9.46 -16.64
N TYR A 63 -12.17 9.45 -15.59
CA TYR A 63 -11.28 8.32 -15.34
C TYR A 63 -11.76 7.47 -14.19
N GLN A 64 -12.82 7.88 -13.49
CA GLN A 64 -13.43 7.13 -12.37
C GLN A 64 -12.47 6.99 -11.18
N VAL A 65 -12.05 8.14 -10.69
CA VAL A 65 -11.01 8.27 -9.70
C VAL A 65 -11.58 8.96 -8.45
N GLY A 66 -11.11 8.56 -7.26
CA GLY A 66 -11.51 9.11 -5.97
C GLY A 66 -10.39 9.90 -5.31
N LEU A 67 -10.73 10.35 -4.10
CA LEU A 67 -9.80 11.12 -3.27
C LEU A 67 -9.43 10.31 -2.04
N GLY A 68 -8.33 10.62 -1.36
CA GLY A 68 -7.38 11.65 -1.67
C GLY A 68 -6.68 12.05 -0.41
N ARG A 69 -5.96 13.17 -0.44
CA ARG A 69 -5.14 13.58 0.71
C ARG A 69 -4.94 15.09 0.64
N LYS A 70 -4.91 15.72 1.81
CA LYS A 70 -4.75 17.15 1.93
C LYS A 70 -3.97 17.48 3.18
N PHE A 71 -3.04 18.42 3.03
CA PHE A 71 -2.29 18.96 4.17
C PHE A 71 -3.03 20.13 4.79
N TRP A 72 -4.04 19.80 5.56
CA TRP A 72 -4.79 20.79 6.34
C TRP A 72 -5.61 20.06 7.36
N GLY A 73 -5.78 20.62 8.54
CA GLY A 73 -6.38 19.93 9.64
C GLY A 73 -6.55 20.86 10.81
N PRO A 74 -6.80 20.27 11.96
CA PRO A 74 -7.07 21.12 13.15
C PRO A 74 -5.92 22.04 13.51
N TYR A 75 -4.69 21.61 13.24
CA TYR A 75 -3.51 22.32 13.73
C TYR A 75 -3.12 23.46 12.79
N SER A 76 -3.28 23.25 11.49
CA SER A 76 -3.11 24.31 10.52
C SER A 76 -4.28 25.33 10.69
N TYR A 77 -5.50 24.85 10.89
CA TYR A 77 -6.63 25.75 11.13
C TYR A 77 -6.40 26.61 12.40
N ALA A 78 -5.99 25.95 13.49
CA ALA A 78 -5.81 26.65 14.77
C ALA A 78 -4.68 27.66 14.69
N TYR A 79 -3.55 27.28 14.11
CA TYR A 79 -2.41 28.20 14.02
C TYR A 79 -2.77 29.42 13.20
N ASN A 80 -3.58 29.22 12.18
CA ASN A 80 -4.05 30.32 11.33
C ASN A 80 -4.85 31.37 12.13
N LYS A 81 -5.49 30.92 13.21
CA LYS A 81 -6.25 31.83 14.11
C LYS A 81 -5.38 32.42 15.23
N THR A 82 -4.57 31.59 15.90
CA THR A 82 -3.90 32.03 17.14
C THR A 82 -2.45 32.45 16.91
N HIS A 83 -1.87 31.98 15.82
CA HIS A 83 -0.45 32.16 15.49
C HIS A 83 0.50 31.70 16.62
N GLU A 84 0.08 30.71 17.37
CA GLU A 84 0.90 30.13 18.40
C GLU A 84 0.66 28.63 18.45
N VAL A 85 1.75 27.85 18.39
CA VAL A 85 1.67 26.41 18.51
C VAL A 85 1.05 26.04 19.84
N GLY A 86 0.20 25.02 19.86
CA GLY A 86 -0.35 24.52 21.09
C GLY A 86 -1.40 25.39 21.75
N LYS A 87 -1.83 26.43 21.06
CA LYS A 87 -2.90 27.31 21.57
C LYS A 87 -4.05 27.28 20.57
N TYR A 88 -5.26 27.01 21.07
CA TYR A 88 -6.41 26.69 20.21
C TYR A 88 -7.53 27.71 20.41
N PRO A 89 -8.18 28.09 19.30
CA PRO A 89 -9.27 29.09 19.34
C PRO A 89 -10.54 28.41 19.82
N GLN A 90 -11.63 29.16 19.99
CA GLN A 90 -12.93 28.51 20.23
C GLN A 90 -13.58 28.21 18.89
N MET A 91 -14.15 27.03 18.78
CA MET A 91 -14.83 26.60 17.58
C MET A 91 -16.29 27.09 17.67
N LYS A 92 -16.78 27.73 16.61
CA LYS A 92 -18.22 28.07 16.49
C LYS A 92 -19.04 26.82 16.80
N PRO A 93 -19.89 26.84 17.83
CA PRO A 93 -20.59 25.60 18.13
C PRO A 93 -21.47 25.14 16.98
N TYR A 94 -21.48 23.82 16.76
CA TYR A 94 -22.30 23.19 15.71
C TYR A 94 -22.74 21.83 16.21
N SER A 95 -24.05 21.57 16.26
CA SER A 95 -24.60 20.33 16.78
C SER A 95 -25.46 19.59 15.74
N GLY A 96 -25.38 20.04 14.49
CA GLY A 96 -26.09 19.36 13.42
C GLY A 96 -25.42 18.08 12.94
N ASN A 97 -25.93 17.56 11.83
CA ASN A 97 -25.43 16.34 11.20
C ASN A 97 -23.98 16.52 10.75
N ILE A 98 -23.18 15.48 10.95
CA ILE A 98 -21.82 15.43 10.41
C ILE A 98 -21.79 14.45 9.26
N SER A 99 -21.43 14.97 8.10
CA SER A 99 -21.18 14.14 6.94
C SER A 99 -19.69 13.87 6.82
N VAL A 100 -19.37 12.79 6.11
CA VAL A 100 -17.99 12.32 5.96
C VAL A 100 -17.57 12.35 4.50
N LYS A 101 -16.49 13.06 4.19
CA LYS A 101 -15.92 13.10 2.86
C LYS A 101 -14.73 12.15 2.84
N ARG A 102 -14.66 11.28 1.84
CA ARG A 102 -13.58 10.32 1.74
C ARG A 102 -12.31 10.98 1.25
N TYR A 103 -11.38 11.20 2.18
CA TYR A 103 -10.00 11.63 1.92
C TYR A 103 -9.25 11.49 3.25
N ILE A 104 -7.93 11.65 3.17
CA ILE A 104 -7.08 11.67 4.33
C ILE A 104 -6.61 13.09 4.61
N ALA A 105 -6.93 13.61 5.78
CA ALA A 105 -6.37 14.87 6.26
C ALA A 105 -5.07 14.54 6.99
N THR A 106 -4.00 15.26 6.67
CA THR A 106 -2.73 15.15 7.35
C THR A 106 -2.16 16.54 7.60
N GLU A 107 -1.17 16.63 8.48
CA GLU A 107 -0.52 17.88 8.78
C GLU A 107 0.98 17.76 8.59
N HIS A 108 1.62 18.83 8.12
CA HIS A 108 3.07 18.89 8.13
C HIS A 108 3.56 18.86 9.58
N PRO A 109 4.69 18.21 9.85
CA PRO A 109 5.25 18.16 11.20
C PRO A 109 6.11 19.40 11.47
N TYR A 110 5.45 20.55 11.39
CA TYR A 110 6.02 21.89 11.54
C TYR A 110 6.00 22.29 13.00
N VAL A 111 6.89 23.23 13.35
CA VAL A 111 6.90 23.82 14.69
C VAL A 111 5.64 24.62 15.00
N GLN A 112 4.87 24.97 13.97
CA GLN A 112 3.57 25.62 14.12
C GLN A 112 2.50 24.69 14.62
N HIS A 113 2.75 23.38 14.49
CA HIS A 113 1.78 22.36 14.81
C HIS A 113 2.10 21.54 16.04
N ILE A 114 3.37 21.18 16.20
CA ILE A 114 3.84 20.44 17.36
C ILE A 114 5.17 21.07 17.81
N GLN A 115 5.41 21.11 19.11
CA GLN A 115 6.64 21.71 19.64
C GLN A 115 6.85 21.19 21.04
N GLY A 116 8.08 21.22 21.50
CA GLY A 116 8.36 20.90 22.89
C GLY A 116 7.47 21.73 23.81
N GLY A 117 7.01 21.08 24.86
CA GLY A 117 6.21 21.76 25.87
C GLY A 117 4.74 21.80 25.59
N ILE A 118 4.32 21.32 24.42
CA ILE A 118 2.90 21.27 24.07
C ILE A 118 2.09 20.45 25.06
N ASP A 119 0.86 20.93 25.33
CA ASP A 119 -0.10 20.22 26.15
C ASP A 119 -0.77 19.17 25.23
N VAL A 120 -0.31 17.95 25.33
CA VAL A 120 -0.75 16.87 24.47
C VAL A 120 -2.25 16.55 24.67
N GLN A 121 -2.73 16.59 25.91
CA GLN A 121 -4.15 16.36 26.14
C GLN A 121 -5.01 17.46 25.51
N ALA A 122 -4.59 18.72 25.61
CA ALA A 122 -5.30 19.82 24.97
C ALA A 122 -5.26 19.68 23.44
N ALA A 123 -4.12 19.27 22.90
CA ALA A 123 -3.99 19.10 21.46
C ALA A 123 -5.02 18.06 20.99
N GLY A 124 -5.10 16.95 21.70
CA GLY A 124 -6.04 15.90 21.38
C GLY A 124 -7.48 16.37 21.51
N ALA A 125 -7.77 17.06 22.60
CA ALA A 125 -9.12 17.62 22.79
C ALA A 125 -9.50 18.55 21.66
N TRP A 126 -8.55 19.34 21.16
CA TRP A 126 -8.83 20.26 20.11
C TRP A 126 -9.20 19.52 18.83
N SER A 127 -8.52 18.42 18.47
CA SER A 127 -8.92 17.72 17.27
CA SER A 127 -8.90 17.70 17.26
C SER A 127 -10.38 17.33 17.35
N ALA A 128 -10.80 16.82 18.50
CA ALA A 128 -12.20 16.41 18.69
C ALA A 128 -13.16 17.58 18.68
N GLU A 129 -12.75 18.71 19.26
CA GLU A 129 -13.61 19.88 19.25
CA GLU A 129 -13.57 19.97 19.22
C GLU A 129 -13.76 20.45 17.81
N TYR A 130 -12.66 20.52 17.07
CA TYR A 130 -12.65 21.03 15.73
C TYR A 130 -13.57 20.15 14.85
N TYR A 131 -13.36 18.84 14.84
CA TYR A 131 -14.14 17.98 13.97
C TYR A 131 -15.59 17.81 14.40
N SER A 132 -15.85 17.73 15.71
CA SER A 132 -17.23 17.50 16.17
C SER A 132 -18.10 18.73 15.96
N ASN A 133 -17.50 19.89 15.73
CA ASN A 133 -18.23 21.09 15.39
C ASN A 133 -18.13 21.45 13.92
N SER A 134 -17.86 20.43 13.09
CA SER A 134 -17.81 20.61 11.66
C SER A 134 -18.95 19.86 11.00
N GLU A 135 -19.48 20.44 9.93
CA GLU A 135 -20.51 19.79 9.14
C GLU A 135 -19.99 18.69 8.25
N LEU A 136 -18.70 18.74 7.92
CA LEU A 136 -18.09 17.78 7.02
C LEU A 136 -16.70 17.47 7.60
N VAL A 137 -16.41 16.18 7.76
CA VAL A 137 -15.13 15.73 8.26
C VAL A 137 -14.48 14.76 7.30
N PRO A 138 -13.14 14.65 7.32
CA PRO A 138 -12.50 13.58 6.53
C PRO A 138 -12.77 12.22 7.09
N GLU A 139 -12.85 11.23 6.22
CA GLU A 139 -12.96 9.88 6.68
C GLU A 139 -11.75 9.43 7.48
N PHE A 140 -10.58 9.93 7.10
CA PHE A 140 -9.30 9.55 7.74
C PHE A 140 -8.57 10.78 8.20
N PHE A 141 -8.07 10.72 9.44
CA PHE A 141 -7.17 11.75 9.96
C PHE A 141 -5.85 11.06 10.31
N GLU A 142 -4.76 11.61 9.78
CA GLU A 142 -3.41 11.07 9.88
C GLU A 142 -2.56 12.21 10.45
N PRO A 143 -2.57 12.37 11.80
CA PRO A 143 -2.14 13.62 12.44
C PRO A 143 -0.87 14.32 11.97
N LEU A 144 0.23 13.58 11.77
CA LEU A 144 1.49 14.18 11.33
C LEU A 144 2.12 13.38 10.21
N ASN A 145 2.41 14.02 9.11
CA ASN A 145 3.07 13.38 7.99
C ASN A 145 4.55 13.19 8.27
N GLU A 146 5.08 12.01 7.96
CA GLU A 146 6.51 11.67 8.10
CA GLU A 146 6.53 11.74 8.05
C GLU A 146 7.18 12.33 9.31
N PRO A 147 6.65 12.02 10.50
CA PRO A 147 7.09 12.82 11.64
C PRO A 147 8.50 12.53 12.11
N PHE A 148 8.87 11.26 12.19
CA PHE A 148 10.11 10.91 12.87
C PHE A 148 11.35 11.38 12.10
N VAL A 149 11.28 11.49 10.78
CA VAL A 149 12.44 11.96 10.04
C VAL A 149 12.68 13.44 10.34
N HIS A 150 11.69 14.15 10.90
CA HIS A 150 11.81 15.54 11.31
C HIS A 150 12.13 15.75 12.80
N ALA A 151 12.34 14.68 13.55
CA ALA A 151 12.49 14.79 14.99
C ALA A 151 13.73 15.54 15.44
N ASN A 152 14.68 15.73 14.55
CA ASN A 152 15.92 16.47 14.83
C ASN A 152 15.97 17.80 14.12
N ASP A 153 14.85 18.28 13.59
CA ASP A 153 14.83 19.59 12.94
C ASP A 153 15.19 20.69 13.95
N ALA A 154 15.99 21.65 13.47
CA ALA A 154 16.60 22.65 14.35
C ALA A 154 15.59 23.46 15.17
N GLY A 155 14.42 23.70 14.61
CA GLY A 155 13.44 24.51 15.29
C GLY A 155 12.72 23.86 16.47
N PHE A 156 12.86 22.55 16.63
CA PHE A 156 12.22 21.86 17.74
C PHE A 156 13.05 22.00 19.02
N THR A 157 12.36 22.25 20.13
CA THR A 157 13.02 22.41 21.43
C THR A 157 13.18 21.11 22.19
N VAL A 158 12.59 20.05 21.68
CA VAL A 158 12.78 18.67 22.10
C VAL A 158 13.07 17.91 20.82
N GLN A 159 14.07 17.02 20.85
CA GLN A 159 14.55 16.38 19.64
C GLN A 159 14.83 14.91 19.87
N GLY A 160 15.15 14.20 18.81
CA GLY A 160 15.58 12.82 18.94
C GLY A 160 14.48 11.91 19.46
N GLN A 161 14.86 10.91 20.24
CA GLN A 161 13.94 9.95 20.81
C GLN A 161 12.84 10.63 21.61
N ALA A 162 13.18 11.64 22.40
CA ALA A 162 12.18 12.34 23.17
C ALA A 162 11.12 12.97 22.26
N MET A 163 11.52 13.54 21.14
CA MET A 163 10.55 14.09 20.19
C MET A 163 9.77 13.00 19.49
N ARG A 164 10.40 11.90 19.12
CA ARG A 164 9.60 10.77 18.55
CA ARG A 164 9.64 10.80 18.52
C ARG A 164 8.51 10.35 19.51
N GLU A 165 8.87 10.27 20.80
CA GLU A 165 7.91 9.89 21.81
C GLU A 165 6.78 10.93 21.97
N LEU A 166 7.13 12.21 21.94
CA LEU A 166 6.13 13.29 21.99
C LEU A 166 5.19 13.21 20.76
N MET A 167 5.73 12.95 19.60
CA MET A 167 4.91 12.83 18.37
C MET A 167 3.95 11.64 18.50
N VAL A 168 4.41 10.55 19.07
CA VAL A 168 3.55 9.41 19.29
C VAL A 168 2.46 9.73 20.31
N ASP A 169 2.82 10.46 21.38
CA ASP A 169 1.84 10.85 22.39
C ASP A 169 0.76 11.78 21.79
N PHE A 170 1.16 12.63 20.87
CA PHE A 170 0.26 13.52 20.13
C PHE A 170 -0.74 12.66 19.36
N TYR A 171 -0.23 11.70 18.58
CA TYR A 171 -1.11 10.76 17.90
C TYR A 171 -2.09 10.06 18.86
N ALA A 172 -1.56 9.54 19.97
CA ALA A 172 -2.37 8.77 20.90
C ALA A 172 -3.49 9.62 21.48
N SER A 173 -3.16 10.84 21.88
CA SER A 173 -4.15 11.72 22.44
C SER A 173 -5.27 12.02 21.46
N ILE A 174 -4.91 12.21 20.19
CA ILE A 174 -5.88 12.52 19.16
C ILE A 174 -6.83 11.33 18.99
N GLY A 175 -6.26 10.13 18.85
CA GLY A 175 -7.12 8.94 18.70
C GLY A 175 -8.04 8.78 19.91
N LYS A 176 -7.50 8.95 21.11
CA LYS A 176 -8.30 8.78 22.31
C LYS A 176 -9.46 9.76 22.34
N HIS A 177 -9.18 11.02 22.06
CA HIS A 177 -10.22 12.04 22.14
C HIS A 177 -11.28 11.89 21.04
N ILE A 178 -10.87 11.59 19.83
CA ILE A 178 -11.82 11.39 18.73
C ILE A 178 -12.73 10.21 19.04
N HIS A 179 -12.16 9.09 19.48
CA HIS A 179 -12.97 7.91 19.76
C HIS A 179 -13.91 8.10 20.95
N ASN A 180 -13.54 8.95 21.88
CA ASN A 180 -14.41 9.22 23.03
C ASN A 180 -15.42 10.32 22.78
N ASN A 181 -15.50 10.84 21.55
CA ASN A 181 -16.49 11.83 21.15
C ASN A 181 -17.57 11.08 20.35
N PRO A 182 -18.81 10.94 20.90
CA PRO A 182 -19.82 10.11 20.19
C PRO A 182 -20.25 10.67 18.83
N ARG A 183 -20.05 11.95 18.59
CA ARG A 183 -20.34 12.53 17.27
C ARG A 183 -19.35 12.10 16.18
N LEU A 184 -18.15 11.74 16.59
CA LEU A 184 -17.09 11.33 15.64
C LEU A 184 -16.80 9.85 15.62
N ASN A 185 -16.97 9.16 16.75
CA ASN A 185 -16.60 7.76 16.90
C ASN A 185 -17.40 6.94 15.88
N GLY A 186 -16.69 6.15 15.09
CA GLY A 186 -17.30 5.36 14.01
C GLY A 186 -17.34 6.05 12.66
N LYS A 187 -17.25 7.39 12.63
CA LYS A 187 -17.26 8.19 11.41
C LYS A 187 -15.87 8.54 10.89
N MET A 188 -14.99 8.92 11.79
CA MET A 188 -13.60 9.24 11.44
C MET A 188 -12.71 8.14 11.91
N LYS A 189 -11.78 7.77 11.07
CA LYS A 189 -10.76 6.78 11.41
C LYS A 189 -9.43 7.49 11.56
N VAL A 190 -8.73 7.17 12.65
CA VAL A 190 -7.43 7.77 12.94
C VAL A 190 -6.33 6.77 12.57
N ILE A 191 -5.38 7.21 11.76
CA ILE A 191 -4.32 6.36 11.25
C ILE A 191 -2.97 7.00 11.51
N GLY A 192 -1.94 6.19 11.64
CA GLY A 192 -0.59 6.71 11.80
C GLY A 192 0.45 5.66 11.60
N TYR A 193 1.71 6.04 11.46
CA TYR A 193 2.28 7.39 11.63
C TYR A 193 2.74 8.05 10.34
N ALA A 194 2.24 7.61 9.22
CA ALA A 194 2.60 8.18 7.92
C ALA A 194 4.08 7.99 7.69
N ALA A 195 4.53 6.75 7.84
CA ALA A 195 5.97 6.44 7.89
C ALA A 195 6.64 6.68 6.54
N ALA A 196 7.67 7.52 6.55
CA ALA A 196 8.44 7.83 5.34
C ALA A 196 9.45 6.86 4.96
N TYR A 197 9.95 6.13 5.91
CA TYR A 197 11.26 5.37 5.72
C TYR A 197 11.09 4.05 6.44
N PRO A 198 10.39 3.07 5.85
CA PRO A 198 9.98 1.86 6.60
C PRO A 198 11.09 0.80 6.62
N ALA A 199 12.27 1.22 7.06
CA ALA A 199 13.48 0.40 7.11
C ALA A 199 13.53 -0.39 8.39
N TRP A 200 12.53 -1.25 8.61
CA TRP A 200 12.38 -2.00 9.84
C TRP A 200 13.68 -2.67 10.26
N GLU A 201 14.37 -3.22 9.29
CA GLU A 201 15.60 -3.97 9.48
C GLU A 201 16.79 -3.14 9.95
N ASP A 202 16.80 -1.83 9.80
CA ASP A 202 17.98 -1.03 10.14
C ASP A 202 18.42 -1.27 11.59
N GLY A 203 19.74 -1.30 11.77
CA GLY A 203 20.28 -1.46 13.10
C GLY A 203 19.94 -2.79 13.73
N ASN A 204 19.91 -3.84 12.90
CA ASN A 204 19.55 -5.15 13.42
CA ASN A 204 19.51 -5.18 13.30
C ASN A 204 18.15 -5.14 14.00
N PHE A 205 17.24 -4.42 13.34
CA PHE A 205 15.84 -4.21 13.73
C PHE A 205 15.65 -3.26 14.90
N ASN A 206 16.72 -2.57 15.29
CA ASN A 206 16.56 -1.43 16.22
C ASN A 206 15.59 -0.41 15.67
N TYR A 207 15.60 -0.21 14.36
CA TYR A 207 14.73 0.78 13.75
C TYR A 207 13.25 0.40 13.94
N TRP A 208 12.89 -0.82 13.59
CA TRP A 208 11.58 -1.36 13.90
C TRP A 208 11.26 -1.10 15.38
N ASN A 209 12.17 -1.51 16.29
CA ASN A 209 11.87 -1.45 17.69
C ASN A 209 11.58 -0.05 18.19
N THR A 210 12.28 0.94 17.64
CA THR A 210 12.22 2.28 18.17
C THR A 210 11.32 3.24 17.38
N ARG A 211 10.83 2.79 16.20
CA ARG A 211 9.92 3.58 15.39
C ARG A 211 8.56 2.88 15.37
N MET A 212 8.32 1.96 14.43
CA MET A 212 6.97 1.42 14.30
C MET A 212 6.54 0.57 15.47
N LYS A 213 7.42 -0.25 16.04
CA LYS A 213 7.00 -1.02 17.23
C LYS A 213 6.59 -0.10 18.35
N MET A 214 7.41 0.95 18.56
CA MET A 214 7.12 1.91 19.61
C MET A 214 5.78 2.61 19.35
N PHE A 215 5.52 2.96 18.09
CA PHE A 215 4.24 3.56 17.74
C PHE A 215 3.07 2.64 18.05
N ILE A 216 3.18 1.39 17.61
CA ILE A 216 2.13 0.43 17.88
C ILE A 216 1.93 0.24 19.38
N ASP A 217 3.01 0.16 20.14
CA ASP A 217 2.90 -0.03 21.59
C ASP A 217 2.29 1.16 22.31
N ARG A 218 2.68 2.36 21.93
CA ARG A 218 2.40 3.56 22.69
C ARG A 218 1.16 4.32 22.21
N ALA A 219 0.87 4.29 20.91
CA ALA A 219 -0.34 4.88 20.33
C ALA A 219 -1.30 3.88 19.67
N GLY A 220 -0.86 2.64 19.43
CA GLY A 220 -1.65 1.75 18.60
C GLY A 220 -3.01 1.40 19.11
N ALA A 221 -3.18 1.35 20.42
CA ALA A 221 -4.49 1.07 20.98
C ALA A 221 -5.54 2.12 20.57
N TYR A 222 -5.10 3.33 20.29
CA TYR A 222 -5.92 4.48 19.98
C TYR A 222 -6.07 4.73 18.47
N MET A 223 -5.39 3.91 17.66
CA MET A 223 -5.46 4.03 16.20
C MET A 223 -6.45 3.04 15.64
N ASP A 224 -7.14 3.46 14.58
CA ASP A 224 -7.94 2.53 13.78
C ASP A 224 -7.09 1.74 12.78
N GLY A 225 -5.97 2.30 12.34
CA GLY A 225 -5.07 1.62 11.41
C GLY A 225 -3.72 2.24 11.32
N PHE A 226 -2.86 1.56 10.58
CA PHE A 226 -1.44 1.94 10.50
C PHE A 226 -1.10 2.32 9.10
N SER A 227 -0.35 3.41 8.96
CA SER A 227 -0.05 4.00 7.67
C SER A 227 1.45 4.13 7.42
N VAL A 228 1.81 3.84 6.16
CA VAL A 228 3.15 3.91 5.67
C VAL A 228 3.15 4.45 4.24
N HIS A 229 4.29 4.97 3.83
CA HIS A 229 4.55 5.40 2.47
C HIS A 229 5.47 4.40 1.79
N LEU A 230 5.15 4.04 0.55
CA LEU A 230 5.93 3.04 -0.20
C LEU A 230 6.45 3.65 -1.48
N TYR A 231 7.78 3.76 -1.55
CA TYR A 231 8.44 4.35 -2.71
C TYR A 231 9.55 3.45 -3.26
N ASP A 232 9.66 3.45 -4.57
CA ASP A 232 10.82 2.95 -5.29
C ASP A 232 11.74 4.12 -5.62
N GLY A 233 13.05 3.92 -5.51
CA GLY A 233 14.04 4.86 -6.04
C GLY A 233 14.24 4.57 -7.50
N ILE A 234 14.44 5.61 -8.28
CA ILE A 234 14.65 5.39 -9.69
C ILE A 234 15.90 6.11 -10.18
N THR A 240 16.95 1.26 -5.95
CA THR A 240 16.46 0.65 -4.71
C THR A 240 14.95 0.56 -4.68
N LYS A 241 14.47 -0.65 -4.79
CA LYS A 241 13.05 -0.91 -5.05
C LYS A 241 12.39 -1.56 -3.83
N ARG A 242 11.32 -0.94 -3.35
CA ARG A 242 10.41 -1.57 -2.42
C ARG A 242 9.35 -2.39 -3.08
N SER A 243 9.00 -2.08 -4.32
CA SER A 243 7.99 -2.92 -4.94
C SER A 243 8.47 -4.36 -5.00
N GLY A 244 7.52 -5.27 -4.85
CA GLY A 244 7.86 -6.68 -4.69
C GLY A 244 8.15 -6.98 -3.24
N SER A 245 9.14 -7.85 -3.03
CA SER A 245 9.26 -8.55 -1.75
C SER A 245 9.53 -7.65 -0.57
N ASN A 246 10.23 -6.52 -0.75
CA ASN A 246 10.49 -5.65 0.40
C ASN A 246 9.19 -5.04 0.96
N SER A 247 8.37 -4.43 0.08
CA SER A 247 7.12 -3.86 0.56
C SER A 247 6.24 -4.94 1.17
N GLU A 248 6.26 -6.15 0.60
CA GLU A 248 5.50 -7.23 1.17
C GLU A 248 5.90 -7.53 2.62
N ALA A 249 7.22 -7.57 2.87
CA ALA A 249 7.76 -7.77 4.23
C ALA A 249 7.44 -6.60 5.14
N VAL A 250 7.55 -5.36 4.62
CA VAL A 250 7.27 -4.17 5.40
C VAL A 250 5.84 -4.22 5.97
N LEU A 251 4.89 -4.53 5.09
CA LEU A 251 3.49 -4.55 5.51
C LEU A 251 3.15 -5.80 6.31
N ASP A 252 3.74 -6.93 5.95
CA ASP A 252 3.54 -8.13 6.77
C ASP A 252 4.03 -7.93 8.20
N MET A 253 5.10 -7.17 8.41
CA MET A 253 5.57 -7.01 9.80
C MET A 253 4.59 -6.26 10.66
N VAL A 254 4.01 -5.20 10.07
CA VAL A 254 2.96 -4.41 10.77
C VAL A 254 1.80 -5.33 11.16
N GLU A 255 1.32 -6.12 10.20
CA GLU A 255 0.21 -7.03 10.49
C GLU A 255 0.58 -8.06 11.55
N ALA A 256 1.77 -8.65 11.41
CA ALA A 256 2.20 -9.70 12.31
C ALA A 256 2.32 -9.20 13.74
N TYR A 257 2.86 -7.99 13.94
CA TYR A 257 2.94 -7.46 15.30
C TYR A 257 1.60 -7.01 15.83
N SER A 258 0.77 -6.44 14.96
CA SER A 258 -0.57 -6.08 15.39
CA SER A 258 -0.62 -6.07 15.32
C SER A 258 -1.35 -7.30 15.88
N TYR A 259 -1.22 -8.42 15.20
CA TYR A 259 -1.87 -9.64 15.66
C TYR A 259 -1.40 -10.02 17.06
N ILE A 260 -0.10 -9.98 17.28
CA ILE A 260 0.45 -10.30 18.61
C ILE A 260 -0.03 -9.32 19.67
N LYS A 261 -0.07 -8.04 19.35
CA LYS A 261 -0.39 -7.01 20.33
C LYS A 261 -1.89 -6.97 20.67
N PHE A 262 -2.73 -7.08 19.64
CA PHE A 262 -4.16 -6.82 19.75
C PHE A 262 -5.01 -8.07 19.66
N GLY A 263 -4.43 -9.18 19.18
CA GLY A 263 -5.17 -10.39 18.92
C GLY A 263 -5.78 -10.46 17.54
N HIS A 264 -5.61 -9.39 16.74
CA HIS A 264 -6.14 -9.29 15.39
C HIS A 264 -5.29 -8.21 14.68
N VAL A 265 -5.24 -8.29 13.35
CA VAL A 265 -4.61 -7.23 12.56
C VAL A 265 -5.50 -5.99 12.65
N LYS A 266 -4.91 -4.82 12.47
CA LYS A 266 -5.66 -3.60 12.18
C LYS A 266 -5.40 -3.20 10.73
N PRO A 267 -6.37 -2.52 10.11
CA PRO A 267 -6.18 -2.17 8.72
C PRO A 267 -4.98 -1.26 8.47
N LEU A 268 -4.45 -1.37 7.27
CA LEU A 268 -3.39 -0.54 6.75
C LEU A 268 -3.93 0.60 5.92
N ALA A 269 -3.15 1.67 5.83
CA ALA A 269 -3.43 2.75 4.88
C ALA A 269 -2.12 3.15 4.24
N ILE A 270 -2.03 3.07 2.91
CA ILE A 270 -0.83 3.44 2.20
C ILE A 270 -1.06 4.84 1.67
N SER A 271 -0.73 5.81 2.52
CA SER A 271 -1.15 7.19 2.24
C SER A 271 -0.37 7.88 1.13
N GLU A 272 0.76 7.29 0.71
CA GLU A 272 1.47 7.64 -0.51
C GLU A 272 2.16 6.40 -1.05
N PHE A 273 2.07 6.15 -2.34
CA PHE A 273 2.94 5.17 -2.98
C PHE A 273 3.36 5.63 -4.37
N GLY A 274 4.58 5.37 -4.75
CA GLY A 274 5.05 5.78 -6.05
C GLY A 274 6.53 5.58 -6.23
N GLY A 275 7.13 6.50 -7.01
CA GLY A 275 8.55 6.48 -7.31
C GLY A 275 9.15 7.84 -7.08
N ILE A 276 10.45 7.83 -6.75
CA ILE A 276 11.22 9.06 -6.60
C ILE A 276 12.41 8.92 -7.51
N ASP A 277 12.55 9.87 -8.45
CA ASP A 277 13.62 9.86 -9.47
C ASP A 277 14.82 10.59 -8.92
N ASN A 278 15.95 9.89 -8.95
CA ASN A 278 17.20 10.39 -8.39
C ASN A 278 18.20 10.71 -9.49
N LYS A 280 17.74 13.76 -9.36
CA LYS A 280 17.26 15.10 -9.64
C LYS A 280 17.70 16.04 -8.51
N PRO A 281 18.25 17.23 -8.86
CA PRO A 281 18.71 18.18 -7.84
C PRO A 281 17.57 18.95 -7.18
N ASP A 282 16.37 18.83 -7.72
CA ASP A 282 15.23 19.51 -7.14
C ASP A 282 13.97 18.70 -7.42
N ASP A 283 12.84 19.23 -6.97
CA ASP A 283 11.55 18.53 -7.10
C ASP A 283 10.70 19.01 -8.25
N SER A 284 11.30 19.67 -9.23
CA SER A 284 10.55 20.18 -10.38
CA SER A 284 10.54 20.19 -10.36
C SER A 284 10.08 19.08 -11.30
N TYR A 285 8.95 19.32 -11.94
CA TYR A 285 8.38 18.40 -12.91
C TYR A 285 9.13 18.43 -14.21
N ASP A 286 9.32 17.24 -14.75
CA ASP A 286 9.86 16.99 -16.07
CA ASP A 286 9.70 17.12 -16.15
C ASP A 286 8.97 15.95 -16.78
N ASP A 287 8.54 16.17 -18.03
CA ASP A 287 7.67 15.20 -18.74
C ASP A 287 8.23 13.78 -18.85
N ILE A 288 9.53 13.59 -18.86
CA ILE A 288 10.06 12.22 -18.96
C ILE A 288 10.37 11.66 -17.59
N SER A 289 11.08 12.41 -16.76
CA SER A 289 11.46 11.82 -15.52
C SER A 289 10.27 11.64 -14.56
N SER A 290 9.32 12.58 -14.57
CA SER A 290 8.27 12.57 -13.55
C SER A 290 7.18 11.53 -13.84
N VAL A 291 7.10 10.99 -15.06
CA VAL A 291 6.19 9.86 -15.37
C VAL A 291 6.79 8.48 -15.09
N ARG A 292 8.07 8.39 -14.78
CA ARG A 292 8.69 7.09 -14.47
C ARG A 292 7.94 6.42 -13.27
N SER A 293 7.38 7.21 -12.36
CA SER A 293 6.58 6.72 -11.21
C SER A 293 5.43 5.82 -11.54
N VAL A 294 4.88 5.95 -12.74
CA VAL A 294 3.71 5.15 -13.12
C VAL A 294 4.01 3.66 -13.05
N SER A 295 5.20 3.24 -13.42
CA SER A 295 5.50 1.81 -13.32
C SER A 295 5.43 1.37 -11.86
N SER A 296 5.88 2.22 -10.92
CA SER A 296 5.81 1.93 -9.50
C SER A 296 4.38 1.85 -9.05
N PHE A 297 3.51 2.75 -9.51
CA PHE A 297 2.09 2.65 -9.17
C PHE A 297 1.60 1.25 -9.47
N ASN A 298 1.85 0.76 -10.68
CA ASN A 298 1.43 -0.58 -11.05
C ASN A 298 2.06 -1.68 -10.21
N HIS A 299 3.38 -1.58 -9.98
CA HIS A 299 4.01 -2.66 -9.23
C HIS A 299 3.48 -2.79 -7.80
N PHE A 300 3.22 -1.67 -7.14
CA PHE A 300 2.68 -1.68 -5.80
C PHE A 300 1.19 -2.07 -5.78
N LEU A 301 0.46 -1.69 -6.82
CA LEU A 301 -0.98 -1.87 -6.84
C LEU A 301 -1.37 -3.33 -6.65
N PHE A 302 -0.65 -4.24 -7.28
CA PHE A 302 -1.05 -5.64 -7.22
C PHE A 302 -0.88 -6.19 -5.80
N ASN A 303 0.19 -5.81 -5.11
CA ASN A 303 0.42 -6.12 -3.67
C ASN A 303 -0.80 -5.66 -2.90
N LEU A 304 -1.16 -4.39 -3.09
CA LEU A 304 -2.20 -3.78 -2.27
C LEU A 304 -3.57 -4.34 -2.60
N MET A 305 -3.85 -4.73 -3.84
CA MET A 305 -5.10 -5.41 -4.17
C MET A 305 -5.30 -6.68 -3.37
N GLU A 306 -4.20 -7.42 -3.16
CA GLU A 306 -4.22 -8.66 -2.39
C GLU A 306 -4.35 -8.42 -0.89
N ARG A 307 -4.43 -7.17 -0.45
CA ARG A 307 -4.64 -6.82 0.94
C ARG A 307 -5.98 -6.11 1.18
N GLN A 308 -6.89 -6.16 0.21
CA GLN A 308 -8.08 -5.29 0.29
C GLN A 308 -8.86 -5.45 1.61
N ASP A 309 -8.94 -6.68 2.10
CA ASP A 309 -9.65 -6.99 3.33
C ASP A 309 -9.00 -6.43 4.56
N ASN A 310 -7.75 -6.00 4.45
CA ASN A 310 -7.06 -5.30 5.55
C ASN A 310 -6.49 -3.95 5.13
N LEU A 311 -7.16 -3.27 4.22
CA LEU A 311 -6.67 -2.00 3.66
C LEU A 311 -7.80 -0.98 3.70
N PHE A 312 -7.59 0.11 4.45
CA PHE A 312 -8.55 1.19 4.39
C PHE A 312 -8.57 1.93 3.05
N ILE A 313 -7.39 2.26 2.57
CA ILE A 313 -7.21 3.13 1.42
C ILE A 313 -5.75 3.09 1.02
N SER A 314 -5.48 3.38 -0.24
CA SER A 314 -4.14 3.61 -0.76
C SER A 314 -4.23 4.77 -1.74
N ILE A 315 -3.15 5.53 -1.86
CA ILE A 315 -3.12 6.77 -2.65
C ILE A 315 -1.87 6.81 -3.52
N PRO A 316 -2.02 6.58 -4.82
CA PRO A 316 -0.93 6.80 -5.77
C PRO A 316 -0.42 8.26 -5.63
N PHE A 317 0.90 8.43 -5.58
CA PHE A 317 1.44 9.76 -5.38
C PHE A 317 1.53 10.53 -6.69
N VAL A 318 0.37 10.98 -7.14
CA VAL A 318 0.16 11.82 -8.30
C VAL A 318 -0.99 12.74 -7.84
N SER A 319 -0.79 14.06 -7.96
CA SER A 319 -1.68 15.00 -7.38
C SER A 319 -2.60 15.70 -8.36
N ASP A 320 -2.33 16.98 -8.64
CA ASP A 320 -3.32 17.85 -9.24
C ASP A 320 -2.59 18.98 -9.97
N LYS A 321 -3.10 20.21 -9.88
CA LYS A 321 -2.37 21.34 -10.49
C LYS A 321 -1.22 21.80 -9.62
N ALA A 322 -1.25 21.46 -8.34
CA ALA A 322 -0.19 21.81 -7.36
C ALA A 322 0.31 23.25 -7.54
N GLU A 323 -0.65 24.17 -7.53
CA GLU A 323 -0.32 25.57 -7.88
C GLU A 323 0.59 26.21 -6.89
N TRP A 324 0.53 25.76 -5.64
CA TRP A 324 1.41 26.24 -4.57
C TRP A 324 2.90 26.18 -4.96
N HIS A 325 3.28 25.29 -5.87
CA HIS A 325 4.70 25.12 -6.25
C HIS A 325 5.14 26.14 -7.28
N ILE A 326 4.17 26.71 -7.99
CA ILE A 326 4.46 27.45 -9.22
C ILE A 326 4.74 28.91 -8.83
N THR A 327 5.97 29.16 -8.45
CA THR A 327 6.34 30.44 -7.85
C THR A 327 7.61 30.94 -8.52
N ALA A 328 7.88 32.23 -8.32
CA ALA A 328 9.15 32.83 -8.76
C ALA A 328 10.34 32.09 -8.18
N ALA A 329 10.27 31.74 -6.89
CA ALA A 329 11.36 31.03 -6.22
C ALA A 329 11.65 29.65 -6.83
N ASN A 330 10.65 29.03 -7.45
CA ASN A 330 10.83 27.77 -8.16
C ASN A 330 10.91 27.92 -9.68
N ASN A 331 11.16 29.16 -10.13
CA ASN A 331 11.27 29.44 -11.55
C ASN A 331 9.99 29.01 -12.29
N TYR A 332 8.87 29.10 -11.58
CA TYR A 332 7.53 28.77 -12.15
C TYR A 332 7.38 27.32 -12.64
N THR A 333 8.22 26.43 -12.11
CA THR A 333 8.09 25.03 -12.41
C THR A 333 6.92 24.43 -11.62
N SER A 334 6.39 23.35 -12.18
CA SER A 334 5.41 22.52 -11.49
C SER A 334 6.12 21.52 -10.58
N TYR A 335 5.38 21.04 -9.59
CA TYR A 335 5.87 19.98 -8.68
C TYR A 335 5.89 18.66 -9.44
N SER A 336 6.90 17.83 -9.13
CA SER A 336 7.07 16.54 -9.80
C SER A 336 5.84 15.66 -9.77
N ALA A 337 5.06 15.71 -8.68
CA ALA A 337 3.89 14.82 -8.56
C ALA A 337 2.66 15.33 -9.33
N ALA A 338 2.70 16.55 -9.89
CA ALA A 338 1.54 17.14 -10.53
C ALA A 338 0.96 16.23 -11.60
N LEU A 339 -0.35 16.36 -11.77
CA LEU A 339 -1.13 15.70 -12.82
C LEU A 339 -1.44 16.62 -14.01
N PHE A 340 -1.59 17.91 -13.72
CA PHE A 340 -1.88 18.96 -14.73
C PHE A 340 -0.73 19.95 -14.74
N ILE A 341 -0.37 20.42 -15.94
CA ILE A 341 0.74 21.32 -16.16
C ILE A 341 0.16 22.52 -16.91
N PRO A 342 0.45 23.73 -16.43
CA PRO A 342 -0.15 24.90 -17.11
C PRO A 342 0.60 25.22 -18.38
N ASP A 343 -0.16 25.57 -19.42
CA ASP A 343 0.45 26.00 -20.66
C ASP A 343 1.25 27.31 -20.50
N ASN A 344 0.76 28.22 -19.66
CA ASN A 344 1.46 29.46 -19.32
C ASN A 344 1.61 29.62 -17.79
N PRO A 345 2.74 29.18 -17.23
CA PRO A 345 2.95 29.20 -15.77
C PRO A 345 2.95 30.60 -15.13
N GLN A 346 3.17 31.64 -15.94
CA GLN A 346 3.19 33.01 -15.41
C GLN A 346 1.84 33.72 -15.56
N ASN A 347 0.82 33.02 -16.05
CA ASN A 347 -0.55 33.52 -16.01
C ASN A 347 -1.50 32.44 -15.55
N LEU A 348 -1.43 32.12 -14.26
CA LEU A 348 -2.19 31.00 -13.73
C LEU A 348 -3.69 31.25 -13.72
N LYS A 349 -4.09 32.53 -13.69
CA LYS A 349 -5.51 32.90 -13.69
C LYS A 349 -6.18 32.53 -15.01
N ASN A 350 -5.45 32.67 -16.12
CA ASN A 350 -6.04 32.48 -17.45
C ASN A 350 -5.55 31.28 -18.24
N THR A 351 -4.49 30.62 -17.77
CA THR A 351 -3.86 29.56 -18.56
C THR A 351 -4.77 28.36 -18.77
N THR A 352 -4.62 27.70 -19.92
CA THR A 352 -5.15 26.37 -20.08
C THR A 352 -4.20 25.38 -19.35
N TRP A 353 -4.73 24.21 -19.04
CA TRP A 353 -4.01 23.18 -18.28
C TRP A 353 -4.01 21.89 -19.06
N ARG A 354 -2.86 21.24 -19.07
CA ARG A 354 -2.63 20.01 -19.81
C ARG A 354 -2.58 18.84 -18.82
N LEU A 355 -3.42 17.85 -19.05
CA LEU A 355 -3.36 16.57 -18.34
C LEU A 355 -2.16 15.77 -18.86
N ASN A 356 -1.18 15.47 -17.99
CA ASN A 356 0.03 14.78 -18.42
C ASN A 356 -0.16 13.26 -18.57
N ASP A 357 0.89 12.56 -19.00
CA ASP A 357 0.76 11.15 -19.35
C ASP A 357 0.55 10.24 -18.15
N LYS A 358 0.62 10.76 -16.92
CA LYS A 358 0.18 9.98 -15.77
C LYS A 358 -1.28 9.55 -15.90
N LYS A 359 -2.07 10.25 -16.72
CA LYS A 359 -3.42 9.85 -17.00
C LYS A 359 -3.51 8.39 -17.45
N TYR A 360 -2.48 7.88 -18.12
CA TYR A 360 -2.56 6.52 -18.68
C TYR A 360 -2.59 5.46 -17.58
N PHE A 361 -2.10 5.74 -16.38
CA PHE A 361 -2.30 4.79 -15.30
C PHE A 361 -3.77 4.56 -15.06
N PHE A 362 -4.53 5.67 -15.02
CA PHE A 362 -5.97 5.59 -14.81
C PHE A 362 -6.70 5.06 -16.05
N GLU A 363 -6.23 5.38 -17.24
CA GLU A 363 -6.82 4.82 -18.46
C GLU A 363 -6.71 3.28 -18.43
N LEU A 364 -5.54 2.77 -18.03
CA LEU A 364 -5.30 1.35 -18.05
C LEU A 364 -6.34 0.61 -17.19
N TRP A 365 -6.67 1.20 -16.05
CA TRP A 365 -7.58 0.60 -15.08
C TRP A 365 -9.02 1.06 -15.19
N LYS A 366 -9.33 1.86 -16.19
CA LYS A 366 -10.68 2.40 -16.27
C LYS A 366 -11.70 1.27 -16.47
N ASN A 367 -12.81 1.37 -15.79
CA ASN A 367 -13.90 0.37 -15.81
C ASN A 367 -13.61 -0.94 -15.13
N VAL A 368 -12.38 -1.16 -14.68
CA VAL A 368 -12.04 -2.42 -14.03
C VAL A 368 -12.73 -2.48 -12.66
N LYS A 369 -13.53 -3.50 -12.49
CA LYS A 369 -14.30 -3.73 -11.27
C LYS A 369 -14.93 -5.13 -11.35
N GLY A 370 -15.65 -5.50 -10.32
CA GLY A 370 -16.30 -6.78 -10.27
C GLY A 370 -15.80 -7.68 -9.17
N GLU A 371 -16.34 -8.88 -9.12
CA GLU A 371 -15.91 -9.88 -8.15
C GLU A 371 -14.61 -10.51 -8.60
N ARG A 372 -13.68 -10.65 -7.67
CA ARG A 372 -12.50 -11.43 -7.94
C ARG A 372 -12.88 -12.83 -8.39
N VAL A 373 -12.11 -13.34 -9.33
CA VAL A 373 -12.20 -14.75 -9.71
C VAL A 373 -10.86 -15.42 -9.52
N ASP A 374 -10.85 -16.75 -9.51
CA ASP A 374 -9.61 -17.41 -9.15
C ASP A 374 -8.55 -17.21 -10.22
N ILE A 375 -7.32 -16.96 -9.78
CA ILE A 375 -6.21 -16.78 -10.71
C ILE A 375 -4.97 -17.15 -9.96
N THR A 376 -4.04 -17.80 -10.64
CA THR A 376 -2.71 -18.18 -10.10
C THR A 376 -1.64 -17.82 -11.11
N SER A 377 -0.40 -17.68 -10.63
CA SER A 377 0.77 -17.41 -11.43
C SER A 377 1.90 -18.25 -10.87
N SER A 378 2.57 -18.97 -11.74
CA SER A 378 3.69 -19.82 -11.30
C SER A 378 4.97 -19.07 -11.00
N ASN A 379 5.15 -17.89 -11.60
CA ASN A 379 6.35 -17.09 -11.41
C ASN A 379 5.99 -15.91 -10.49
N PRO A 380 6.64 -15.82 -9.32
CA PRO A 380 6.29 -14.72 -8.42
C PRO A 380 6.57 -13.33 -8.95
N ASP A 381 7.40 -13.19 -9.96
CA ASP A 381 7.59 -11.91 -10.62
C ASP A 381 6.44 -11.50 -11.50
N ILE A 382 5.55 -12.42 -11.85
CA ILE A 382 4.41 -12.07 -12.69
C ILE A 382 3.21 -11.99 -11.76
N GLN A 383 2.79 -10.76 -11.48
CA GLN A 383 1.63 -10.51 -10.61
C GLN A 383 0.37 -10.55 -11.47
N VAL A 384 -0.68 -11.18 -10.95
CA VAL A 384 -1.90 -11.41 -11.69
C VAL A 384 -3.12 -11.05 -10.88
N GLN A 385 -4.12 -10.50 -11.54
CA GLN A 385 -5.43 -10.21 -10.97
C GLN A 385 -6.50 -10.54 -11.98
N ALA A 386 -7.68 -10.90 -11.53
CA ALA A 386 -8.83 -11.05 -12.43
C ALA A 386 -10.11 -10.73 -11.69
N PHE A 387 -11.02 -10.10 -12.41
CA PHE A 387 -12.32 -9.66 -11.88
C PHE A 387 -13.39 -9.87 -12.93
N LYS A 388 -14.58 -10.24 -12.46
CA LYS A 388 -15.74 -10.45 -13.33
C LYS A 388 -16.89 -9.58 -12.85
N ASP A 389 -17.33 -8.69 -13.73
CA ASP A 389 -18.43 -7.76 -13.47
C ASP A 389 -19.52 -8.06 -14.47
N GLY A 390 -20.50 -8.83 -14.02
CA GLY A 390 -21.56 -9.29 -14.91
C GLY A 390 -20.94 -10.00 -16.10
N GLY A 391 -21.21 -9.45 -17.28
CA GLY A 391 -20.72 -10.00 -18.54
C GLY A 391 -19.37 -9.49 -19.02
N ARG A 392 -18.58 -8.88 -18.14
CA ARG A 392 -17.26 -8.42 -18.51
C ARG A 392 -16.21 -9.07 -17.58
N LEU A 393 -15.12 -9.50 -18.17
CA LEU A 393 -13.98 -10.10 -17.49
C LEU A 393 -12.75 -9.22 -17.71
N TYR A 394 -12.03 -8.96 -16.61
CA TYR A 394 -10.79 -8.17 -16.61
C TYR A 394 -9.68 -9.04 -16.09
N ILE A 395 -8.57 -9.13 -16.83
CA ILE A 395 -7.39 -9.95 -16.41
C ILE A 395 -6.18 -9.04 -16.51
N ALA A 396 -5.43 -8.88 -15.40
CA ALA A 396 -4.30 -7.98 -15.35
C ALA A 396 -3.03 -8.71 -15.00
N LEU A 397 -1.93 -8.29 -15.63
CA LEU A 397 -0.59 -8.86 -15.39
C LEU A 397 0.43 -7.74 -15.27
N ASP A 398 1.38 -7.95 -14.39
CA ASP A 398 2.49 -7.01 -14.18
C ASP A 398 3.80 -7.79 -14.06
N ASN A 399 4.85 -7.30 -14.65
CA ASN A 399 6.16 -7.98 -14.59
C ASN A 399 7.11 -7.22 -13.66
N LEU A 400 7.42 -7.81 -12.52
CA LEU A 400 8.37 -7.28 -11.55
C LEU A 400 9.83 -7.60 -11.89
N ASP A 401 10.07 -8.48 -12.84
CA ASP A 401 11.43 -8.94 -13.18
C ASP A 401 12.13 -7.93 -14.07
N ASP A 402 13.43 -8.17 -14.26
CA ASP A 402 14.23 -7.30 -15.11
CA ASP A 402 14.24 -7.34 -15.09
C ASP A 402 14.46 -7.87 -16.51
N ASN A 403 13.86 -9.03 -16.81
CA ASN A 403 13.84 -9.59 -18.15
C ASN A 403 12.40 -9.70 -18.63
N PRO A 404 12.16 -9.62 -19.94
CA PRO A 404 10.86 -10.01 -20.46
C PRO A 404 10.52 -11.42 -20.07
N GLN A 405 9.24 -11.72 -19.94
CA GLN A 405 8.80 -13.06 -19.60
C GLN A 405 7.63 -13.46 -20.44
N THR A 406 7.64 -14.70 -20.91
CA THR A 406 6.51 -15.26 -21.63
C THR A 406 5.65 -16.01 -20.64
N VAL A 407 4.37 -15.66 -20.61
CA VAL A 407 3.41 -16.23 -19.69
C VAL A 407 2.33 -16.97 -20.49
N TYR A 408 2.24 -18.27 -20.27
CA TYR A 408 1.16 -19.07 -20.84
C TYR A 408 -0.10 -18.85 -20.05
N LEU A 409 -1.18 -18.51 -20.73
CA LEU A 409 -2.47 -18.26 -20.10
C LEU A 409 -3.39 -19.46 -20.23
N ASN A 410 -3.81 -20.02 -19.11
CA ASN A 410 -4.53 -21.27 -19.09
C ASN A 410 -5.93 -21.02 -18.56
N ASN A 411 -6.92 -21.69 -19.14
CA ASN A 411 -8.25 -21.71 -18.59
C ASN A 411 -8.82 -23.11 -18.85
N LYS A 412 -9.47 -23.68 -17.83
CA LYS A 412 -9.97 -25.07 -17.89
C LYS A 412 -11.05 -25.26 -18.93
N ASN A 413 -11.77 -24.19 -19.30
CA ASN A 413 -12.83 -24.23 -20.31
C ASN A 413 -12.34 -23.75 -21.68
N SER A 414 -11.03 -23.61 -21.86
CA SER A 414 -10.46 -23.11 -23.10
C SER A 414 -11.10 -21.80 -23.55
N TRP A 415 -11.43 -20.95 -22.58
CA TRP A 415 -12.04 -19.65 -22.83
C TRP A 415 -13.33 -19.71 -23.68
N LYS A 416 -14.05 -20.82 -23.61
CA LYS A 416 -15.23 -21.01 -24.48
C LYS A 416 -16.27 -19.90 -24.36
N ASP A 417 -16.39 -19.31 -23.16
CA ASP A 417 -17.42 -18.33 -22.85
C ASP A 417 -16.96 -16.88 -23.05
N VAL A 418 -15.73 -16.69 -23.52
CA VAL A 418 -15.08 -15.37 -23.59
C VAL A 418 -14.97 -14.94 -25.06
N SER A 419 -15.21 -13.66 -25.30
CA SER A 419 -15.18 -13.09 -26.64
C SER A 419 -14.85 -11.60 -26.60
N ASN A 420 -14.67 -10.98 -27.76
CA ASN A 420 -14.45 -9.53 -27.84
C ASN A 420 -13.33 -9.04 -26.91
N VAL A 421 -12.19 -9.67 -27.06
CA VAL A 421 -11.02 -9.37 -26.24
C VAL A 421 -10.33 -8.10 -26.72
N THR A 422 -10.02 -7.23 -25.77
CA THR A 422 -9.23 -6.02 -25.98
C THR A 422 -8.03 -6.05 -25.03
N LYS A 423 -6.87 -5.72 -25.55
CA LYS A 423 -5.66 -5.69 -24.77
C LYS A 423 -5.24 -4.26 -24.55
N ARG A 424 -5.15 -3.85 -23.29
CA ARG A 424 -4.54 -2.58 -22.90
C ARG A 424 -3.13 -2.85 -22.39
N SER A 425 -2.20 -2.01 -22.79
CA SER A 425 -0.81 -2.12 -22.40
C SER A 425 -0.24 -0.77 -22.02
N LEU A 426 0.39 -0.70 -20.86
CA LEU A 426 1.07 0.50 -20.40
C LEU A 426 2.51 0.11 -20.11
N TYR A 427 3.42 0.59 -20.96
CA TYR A 427 4.85 0.31 -20.83
C TYR A 427 5.56 1.60 -20.49
N VAL A 428 6.30 1.60 -19.40
CA VAL A 428 7.09 2.74 -18.97
C VAL A 428 8.54 2.45 -19.29
N ASN A 429 9.08 3.21 -20.23
CA ASN A 429 10.51 3.13 -20.56
C ASN A 429 11.22 4.33 -19.95
N TYR A 430 12.34 4.11 -19.26
CA TYR A 430 12.88 5.24 -18.55
CA TYR A 430 13.12 5.17 -18.61
C TYR A 430 13.34 6.39 -19.48
N ASN A 431 13.79 6.14 -20.71
CA ASN A 431 14.17 7.26 -21.58
CA ASN A 431 14.19 7.18 -21.69
C ASN A 431 13.02 7.76 -22.46
N ALA A 432 12.14 6.87 -22.90
CA ALA A 432 11.09 7.19 -23.85
C ALA A 432 9.77 7.61 -23.23
N GLY A 433 9.58 7.34 -21.94
CA GLY A 433 8.30 7.66 -21.31
C GLY A 433 7.30 6.55 -21.46
N ILE A 434 6.04 6.92 -21.41
CA ILE A 434 4.94 5.96 -21.42
C ILE A 434 4.49 5.65 -22.84
N GLU A 435 4.38 4.36 -23.13
CA GLU A 435 3.72 3.88 -24.36
C GLU A 435 2.45 3.14 -23.96
N TYR A 436 1.31 3.72 -24.25
CA TYR A 436 0.01 3.16 -23.93
C TYR A 436 -0.70 2.80 -25.21
N THR A 437 -1.15 1.55 -25.29
CA THR A 437 -1.91 1.06 -26.45
C THR A 437 -3.15 0.29 -26.02
N GLU A 438 -4.16 0.32 -26.88
CA GLU A 438 -5.37 -0.51 -26.75
C GLU A 438 -5.56 -1.16 -28.11
N GLN A 439 -5.64 -2.48 -28.12
CA GLN A 439 -5.74 -3.28 -29.35
C GLN A 439 -6.83 -4.34 -29.22
N ASN A 440 -7.62 -4.51 -30.25
CA ASN A 440 -8.54 -5.63 -30.29
C ASN A 440 -7.73 -6.84 -30.73
N VAL A 441 -8.01 -7.97 -30.12
CA VAL A 441 -7.36 -9.19 -30.50
C VAL A 441 -8.44 -10.25 -30.74
N PRO A 442 -8.17 -11.23 -31.61
CA PRO A 442 -9.27 -12.09 -32.08
C PRO A 442 -9.64 -13.25 -31.19
N SER A 443 -8.81 -13.51 -30.18
CA SER A 443 -9.03 -14.57 -29.22
C SER A 443 -8.20 -14.25 -27.99
N MET A 444 -8.52 -14.86 -26.86
CA MET A 444 -7.64 -14.72 -25.71
C MET A 444 -6.30 -15.31 -26.09
N PRO A 445 -5.21 -14.60 -25.82
CA PRO A 445 -3.92 -15.17 -26.23
C PRO A 445 -3.52 -16.46 -25.51
N GLU A 446 -2.82 -17.35 -26.23
CA GLU A 446 -2.29 -18.61 -25.71
C GLU A 446 -1.17 -18.29 -24.72
N SER A 447 -0.37 -17.33 -25.10
CA SER A 447 0.67 -16.81 -24.22
C SER A 447 0.84 -15.33 -24.50
N ILE A 448 1.45 -14.68 -23.52
CA ILE A 448 1.65 -13.21 -23.48
C ILE A 448 3.11 -12.98 -23.19
N SER A 449 3.77 -12.11 -23.93
CA SER A 449 5.07 -11.65 -23.58
C SER A 449 4.87 -10.29 -22.86
N ILE A 450 5.50 -10.17 -21.71
CA ILE A 450 5.40 -8.95 -20.90
C ILE A 450 6.79 -8.48 -20.51
N VAL A 451 7.11 -7.24 -20.84
CA VAL A 451 8.43 -6.72 -20.58
C VAL A 451 8.51 -6.03 -19.20
N PRO A 452 9.71 -5.82 -18.69
CA PRO A 452 9.83 -5.10 -17.39
C PRO A 452 9.14 -3.74 -17.46
N ASN A 453 8.42 -3.37 -16.40
CA ASN A 453 7.69 -2.09 -16.33
C ASN A 453 6.56 -1.94 -17.33
N GLN A 454 6.06 -3.09 -17.80
CA GLN A 454 4.86 -3.15 -18.58
C GLN A 454 3.78 -3.83 -17.73
N THR A 455 2.58 -3.25 -17.77
CA THR A 455 1.38 -3.82 -17.18
C THR A 455 0.34 -3.95 -18.28
N ILE A 456 -0.34 -5.09 -18.29
CA ILE A 456 -1.35 -5.40 -19.30
C ILE A 456 -2.68 -5.63 -18.60
N VAL A 457 -3.76 -5.10 -19.17
CA VAL A 457 -5.11 -5.41 -18.76
C VAL A 457 -5.86 -5.88 -20.01
N LEU A 458 -6.31 -7.12 -19.95
CA LEU A 458 -7.19 -7.70 -20.96
C LEU A 458 -8.64 -7.52 -20.51
N VAL A 459 -9.48 -7.06 -21.43
CA VAL A 459 -10.90 -6.81 -21.18
C VAL A 459 -11.65 -7.66 -22.18
N ALA A 460 -12.62 -8.42 -21.71
CA ALA A 460 -13.37 -9.30 -22.61
C ALA A 460 -14.80 -9.44 -22.16
N ASP A 461 -15.66 -9.89 -23.08
CA ASP A 461 -17.01 -10.28 -22.73
C ASP A 461 -17.01 -11.69 -22.30
N VAL A 462 -17.83 -12.01 -21.31
CA VAL A 462 -17.91 -13.36 -20.79
C VAL A 462 -19.39 -13.66 -20.60
N SER A 463 -19.81 -14.82 -21.05
CA SER A 463 -21.23 -15.16 -21.07
C SER A 463 -21.65 -16.17 -20.02
N SER A 464 -20.70 -16.69 -19.24
CA SER A 464 -20.93 -17.89 -18.37
C SER A 464 -22.15 -17.76 -17.47
N ALA A 466 -21.91 -18.86 -14.92
CA ALA A 466 -22.22 -18.66 -13.51
C ALA A 466 -21.23 -19.41 -12.59
N PHE A 467 -21.09 -18.92 -11.35
CA PHE A 467 -20.08 -19.47 -10.43
C PHE A 467 -20.48 -20.83 -9.97
N THR A 468 -19.59 -21.79 -10.14
CA THR A 468 -19.82 -23.14 -9.67
C THR A 468 -19.10 -23.44 -8.35
N ASN A 469 -18.22 -22.54 -7.92
CA ASN A 469 -17.45 -22.74 -6.68
C ASN A 469 -16.94 -21.35 -6.23
N SER A 470 -16.50 -21.28 -4.98
CA SER A 470 -15.71 -20.16 -4.50
CA SER A 470 -15.73 -20.14 -4.48
C SER A 470 -14.45 -20.65 -3.83
N ILE A 471 -13.47 -19.75 -3.73
CA ILE A 471 -12.24 -20.03 -3.02
C ILE A 471 -11.97 -18.83 -2.13
N ILE A 472 -11.67 -19.07 -0.86
CA ILE A 472 -11.55 -18.02 0.15
C ILE A 472 -10.12 -17.99 0.67
N ARG A 473 -9.46 -16.85 0.50
CA ARG A 473 -8.10 -16.64 1.00
C ARG A 473 -8.14 -16.12 2.42
N ASN A 474 -7.57 -16.87 3.35
CA ASN A 474 -7.39 -16.42 4.72
C ASN A 474 -5.90 -16.42 5.05
N LYS A 475 -5.51 -15.49 5.93
CA LYS A 475 -4.17 -15.41 6.44
C LYS A 475 -4.19 -15.75 7.93
N TYR A 476 -3.17 -16.49 8.35
CA TYR A 476 -3.04 -16.93 9.74
C TYR A 476 -1.67 -16.48 10.23
N TYR A 477 -1.68 -15.88 11.42
CA TYR A 477 -0.53 -15.21 11.99
C TYR A 477 -0.02 -16.01 13.19
N SER A 478 1.26 -15.92 13.42
CA SER A 478 1.89 -16.64 14.53
C SER A 478 2.01 -15.79 15.77
N SER A 479 2.01 -16.41 16.95
CA SER A 479 2.34 -15.74 18.19
C SER A 479 3.80 -15.37 18.24
N GLU A 480 4.62 -15.95 17.35
CA GLU A 480 6.06 -15.70 17.30
C GLU A 480 6.42 -14.83 16.12
N TYR A 481 7.20 -13.77 16.37
CA TYR A 481 7.74 -12.92 15.31
C TYR A 481 9.12 -12.45 15.72
N LEU A 482 9.82 -11.78 14.80
CA LEU A 482 11.12 -11.14 15.08
C LEU A 482 12.06 -12.05 15.87
N LYS A 483 12.47 -13.12 15.23
CA LYS A 483 13.31 -14.13 15.88
C LYS A 483 14.71 -14.08 15.31
N PRO A 484 15.74 -13.94 16.17
CA PRO A 484 17.10 -13.95 15.65
C PRO A 484 17.50 -15.33 15.18
N ILE A 485 18.23 -15.38 14.09
CA ILE A 485 18.64 -16.61 13.45
C ILE A 485 20.05 -17.03 13.87
N SER A 486 20.21 -18.28 14.28
CA SER A 486 21.52 -18.85 14.61
C SER A 486 21.74 -20.05 13.73
N ALA A 487 22.99 -20.31 13.39
CA ALA A 487 23.33 -21.39 12.45
C ALA A 487 22.89 -22.74 12.99
N GLY A 488 22.12 -23.45 12.16
CA GLY A 488 21.67 -24.82 12.45
C GLY A 488 20.63 -24.94 13.56
N SER A 489 20.09 -23.81 14.03
CA SER A 489 19.18 -23.81 15.14
C SER A 489 17.73 -23.58 14.66
N SER A 490 16.91 -24.61 14.75
CA SER A 490 15.53 -24.54 14.27
C SER A 490 14.72 -23.48 15.03
N LEU A 491 13.88 -22.77 14.25
CA LEU A 491 12.92 -21.83 14.77
C LEU A 491 11.52 -22.36 14.53
N SER A 492 10.72 -22.32 15.58
CA SER A 492 9.37 -22.87 15.55
C SER A 492 8.32 -21.76 15.56
N PHE A 493 7.39 -21.84 14.61
CA PHE A 493 6.30 -20.88 14.48
C PHE A 493 4.96 -21.58 14.57
N PRO A 494 4.24 -21.36 15.68
CA PRO A 494 2.93 -21.99 15.83
C PRO A 494 1.83 -21.13 15.25
N PHE A 495 0.81 -21.82 14.73
CA PHE A 495 -0.40 -21.18 14.18
C PHE A 495 -1.62 -21.88 14.75
N THR A 496 -2.72 -21.17 14.90
CA THR A 496 -3.96 -21.71 15.45
C THR A 496 -5.16 -21.35 14.59
N GLY A 497 -6.24 -22.11 14.74
CA GLY A 497 -7.50 -21.77 14.11
C GLY A 497 -7.56 -21.98 12.61
N ILE A 498 -6.66 -22.74 12.04
CA ILE A 498 -6.63 -22.91 10.59
C ILE A 498 -7.78 -23.76 10.10
N GLU A 499 -8.53 -23.25 9.14
CA GLU A 499 -9.47 -24.06 8.37
CA GLU A 499 -9.50 -24.04 8.44
C GLU A 499 -8.80 -24.62 7.18
N SER A 500 -8.41 -25.88 7.25
CA SER A 500 -7.79 -26.55 6.11
C SER A 500 -8.87 -27.08 5.17
N GLY A 501 -8.44 -27.59 4.02
CA GLY A 501 -9.38 -28.11 3.04
C GLY A 501 -8.67 -28.36 1.75
N SER A 502 -9.40 -28.13 0.65
CA SER A 502 -8.82 -28.27 -0.66
C SER A 502 -8.59 -26.89 -1.25
N GLY A 503 -7.58 -26.77 -2.11
CA GLY A 503 -7.18 -25.48 -2.65
C GLY A 503 -5.68 -25.35 -2.69
N ARG A 504 -5.18 -24.24 -2.18
CA ARG A 504 -3.76 -23.88 -2.23
C ARG A 504 -3.33 -23.33 -0.88
N ALA A 505 -2.02 -23.38 -0.62
CA ALA A 505 -1.45 -22.80 0.59
C ALA A 505 -0.05 -22.34 0.32
N SER A 506 0.37 -21.38 1.13
CA SER A 506 1.75 -20.91 1.07
C SER A 506 2.17 -20.32 2.42
N LEU A 507 3.48 -20.32 2.64
CA LEU A 507 4.09 -19.62 3.75
C LEU A 507 4.67 -18.31 3.22
N ARG A 508 4.33 -17.19 3.89
CA ARG A 508 4.95 -15.89 3.61
C ARG A 508 6.03 -15.73 4.65
N MET A 509 7.28 -15.99 4.24
CA MET A 509 8.43 -15.99 5.14
C MET A 509 9.20 -14.70 4.94
N SER A 510 9.17 -13.82 5.94
CA SER A 510 9.90 -12.55 5.84
C SER A 510 11.17 -12.62 6.67
N ILE A 511 12.26 -12.20 6.02
CA ILE A 511 13.58 -12.23 6.64
C ILE A 511 14.30 -10.91 6.38
N GLY A 512 15.09 -10.51 7.38
CA GLY A 512 16.05 -9.42 7.24
C GLY A 512 17.41 -10.01 7.58
N ARG A 513 18.30 -10.06 6.58
CA ARG A 513 19.63 -10.66 6.80
C ARG A 513 20.61 -9.93 5.90
N PRO A 514 21.91 -9.96 6.27
CA PRO A 514 22.92 -9.53 5.31
C PRO A 514 22.68 -10.12 3.92
N VAL A 515 22.94 -9.39 2.83
CA VAL A 515 22.63 -9.90 1.50
C VAL A 515 23.31 -11.24 1.19
N SER A 516 24.46 -11.55 1.83
CA SER A 516 25.17 -12.81 1.57
CA SER A 516 25.18 -12.80 1.61
C SER A 516 24.65 -13.99 2.38
N ALA A 517 23.79 -13.75 3.35
CA ALA A 517 23.29 -14.83 4.18
C ALA A 517 22.27 -15.68 3.41
N SER A 518 22.14 -16.95 3.81
CA SER A 518 21.27 -17.86 3.11
C SER A 518 19.81 -17.40 3.09
N LYS A 519 19.18 -17.55 1.93
CA LYS A 519 17.74 -17.35 1.77
C LYS A 519 17.03 -18.70 1.53
N LYS A 520 17.71 -19.80 1.88
CA LYS A 520 17.25 -21.19 1.58
C LYS A 520 17.30 -22.01 2.83
N PRO A 521 16.49 -21.64 3.83
CA PRO A 521 16.39 -22.50 4.98
C PRO A 521 15.72 -23.83 4.60
N VAL A 522 15.90 -24.82 5.46
CA VAL A 522 15.02 -25.96 5.43
C VAL A 522 13.70 -25.50 6.07
N VAL A 523 12.59 -25.82 5.40
CA VAL A 523 11.25 -25.43 5.89
C VAL A 523 10.39 -26.70 6.01
N LYS A 524 9.81 -26.89 7.19
CA LYS A 524 8.93 -28.04 7.43
C LYS A 524 7.54 -27.52 7.85
N ILE A 525 6.52 -28.11 7.22
CA ILE A 525 5.13 -27.81 7.53
C ILE A 525 4.62 -29.06 8.30
N ASN A 526 4.33 -28.90 9.57
CA ASN A 526 3.94 -30.07 10.39
C ASN A 526 4.89 -31.24 10.18
N GLY A 527 6.19 -30.94 10.14
CA GLY A 527 7.19 -32.01 10.04
C GLY A 527 7.59 -32.45 8.67
N THR A 528 6.85 -32.04 7.64
CA THR A 528 7.15 -32.39 6.26
C THR A 528 7.94 -31.28 5.58
N ALA A 529 9.15 -31.62 5.14
CA ALA A 529 10.00 -30.66 4.43
C ALA A 529 9.40 -30.34 3.09
N VAL A 530 9.41 -29.05 2.75
CA VAL A 530 8.93 -28.56 1.48
C VAL A 530 10.03 -27.74 0.78
N SER A 531 9.97 -27.73 -0.54
CA SER A 531 10.87 -26.98 -1.41
C SER A 531 10.75 -25.44 -1.19
N VAL A 532 11.88 -24.76 -1.01
CA VAL A 532 11.92 -23.29 -0.94
C VAL A 532 12.31 -22.76 -2.32
N PRO A 533 11.48 -21.89 -2.91
CA PRO A 533 11.85 -21.33 -4.21
C PRO A 533 13.13 -20.49 -4.19
N ASP A 534 13.77 -20.44 -5.35
CA ASP A 534 14.91 -19.54 -5.58
C ASP A 534 14.51 -18.11 -5.85
N ASN A 535 13.30 -17.92 -6.31
CA ASN A 535 12.77 -16.64 -6.78
C ASN A 535 11.72 -16.12 -5.81
N TRP A 536 11.58 -14.81 -5.79
CA TRP A 536 10.61 -14.06 -5.02
C TRP A 536 10.17 -12.84 -5.84
N LYS A 537 9.17 -12.12 -5.32
CA LYS A 537 8.62 -10.99 -6.04
C LYS A 537 9.66 -9.88 -6.21
N GLY A 538 9.92 -9.50 -7.44
CA GLY A 538 10.83 -8.42 -7.71
C GLY A 538 12.27 -8.82 -7.53
N TYR A 539 13.09 -7.80 -7.33
CA TYR A 539 14.52 -7.94 -7.52
C TYR A 539 15.26 -8.51 -6.34
N GLY A 540 16.54 -8.80 -6.57
CA GLY A 540 17.34 -9.49 -5.61
C GLY A 540 17.87 -8.68 -4.46
N GLN A 541 17.73 -7.35 -4.51
CA GLN A 541 18.22 -6.44 -3.50
C GLN A 541 19.73 -6.51 -3.38
N SER A 542 20.41 -6.81 -4.50
CA SER A 542 21.88 -6.95 -4.47
CA SER A 542 21.87 -6.95 -4.50
C SER A 542 22.58 -5.64 -4.16
N ASN A 543 21.91 -4.52 -4.38
CA ASN A 543 22.47 -3.17 -4.11
C ASN A 543 22.09 -2.66 -2.73
N ARG A 544 21.56 -3.56 -1.90
CA ARG A 544 21.26 -3.24 -0.52
C ARG A 544 22.28 -4.03 0.30
N ASN A 545 22.66 -3.52 1.44
CA ASN A 545 23.48 -4.23 2.35
C ASN A 545 22.68 -5.28 3.14
N ILE A 546 21.40 -4.97 3.43
CA ILE A 546 20.52 -5.87 4.14
C ILE A 546 19.39 -6.25 3.21
N PHE A 547 19.20 -7.54 3.02
CA PHE A 547 18.02 -8.04 2.36
C PHE A 547 16.89 -8.02 3.35
N PHE A 548 15.79 -7.35 3.02
CA PHE A 548 14.56 -7.41 3.81
C PHE A 548 13.42 -7.67 2.86
N GLY A 549 12.88 -8.89 2.92
CA GLY A 549 11.89 -9.29 1.94
C GLY A 549 11.10 -10.49 2.39
N MET A 550 9.90 -10.62 1.83
CA MET A 550 9.02 -11.73 2.01
C MET A 550 9.19 -12.68 0.83
N ILE A 551 9.54 -13.92 1.12
CA ILE A 551 9.70 -14.99 0.14
C ILE A 551 8.55 -15.95 0.34
N GLU A 552 7.74 -16.15 -0.71
N GLU A 552 7.75 -16.15 -0.69
CA GLU A 552 6.65 -17.11 -0.62
CA GLU A 552 6.61 -17.05 -0.55
C GLU A 552 7.14 -18.52 -0.80
C GLU A 552 7.08 -18.50 -0.84
N VAL A 553 6.60 -19.42 0.00
CA VAL A 553 6.93 -20.85 -0.12
C VAL A 553 5.59 -21.59 -0.31
N PRO A 554 5.19 -21.80 -1.59
CA PRO A 554 3.96 -22.57 -1.80
C PRO A 554 4.12 -24.01 -1.41
N PHE A 555 3.06 -24.64 -0.93
CA PHE A 555 3.13 -26.04 -0.61
C PHE A 555 1.73 -26.64 -0.69
N ASP A 556 1.65 -27.96 -0.65
CA ASP A 556 0.37 -28.65 -0.76
C ASP A 556 -0.49 -28.38 0.47
N ILE A 557 -1.69 -27.83 0.24
CA ILE A 557 -2.64 -27.54 1.32
C ILE A 557 -2.94 -28.74 2.17
N GLN A 558 -2.80 -29.92 1.56
CA GLN A 558 -3.09 -31.16 2.23
C GLN A 558 -2.15 -31.44 3.42
N LEU A 559 -1.02 -30.73 3.50
CA LEU A 559 -0.14 -30.79 4.66
C LEU A 559 -0.70 -30.10 5.89
N LEU A 560 -1.68 -29.21 5.70
CA LEU A 560 -2.26 -28.49 6.80
C LEU A 560 -3.36 -29.31 7.46
N LYS A 561 -3.45 -29.16 8.76
CA LYS A 561 -4.53 -29.73 9.56
C LYS A 561 -5.50 -28.67 10.02
N ASN A 562 -6.71 -29.08 10.39
CA ASN A 562 -7.65 -28.14 10.99
C ASN A 562 -7.22 -27.79 12.41
N GLY A 563 -7.12 -26.51 12.72
CA GLY A 563 -6.73 -26.06 14.06
C GLY A 563 -5.25 -25.70 14.09
N ASP A 564 -4.52 -26.35 15.00
CA ASP A 564 -3.09 -26.05 15.22
C ASP A 564 -2.19 -26.55 14.11
N ASN A 565 -1.25 -25.72 13.69
CA ASN A 565 -0.25 -26.09 12.73
C ASN A 565 1.06 -25.48 13.19
N ASN A 566 2.17 -26.10 12.76
CA ASN A 566 3.48 -25.60 13.09
C ASN A 566 4.36 -25.54 11.85
N VAL A 567 5.16 -24.48 11.78
CA VAL A 567 6.17 -24.33 10.75
C VAL A 567 7.52 -24.25 11.46
N ASP A 568 8.48 -25.07 11.03
CA ASP A 568 9.83 -25.07 11.59
C ASP A 568 10.78 -24.75 10.49
N ILE A 569 11.72 -23.82 10.73
CA ILE A 569 12.67 -23.47 9.69
C ILE A 569 14.10 -23.44 10.28
N THR A 570 15.05 -23.86 9.46
CA THR A 570 16.45 -23.89 9.90
C THR A 570 17.34 -23.33 8.80
N PHE A 571 18.13 -22.30 9.17
CA PHE A 571 19.14 -21.75 8.30
C PHE A 571 20.49 -22.38 8.66
N SER A 572 21.32 -22.52 7.66
CA SER A 572 22.66 -23.12 7.88
C SER A 572 23.67 -22.14 8.45
N ASP A 573 23.34 -20.86 8.39
CA ASP A 573 24.21 -19.78 8.84
C ASP A 573 23.53 -18.88 9.86
N GLY A 574 24.31 -18.09 10.57
CA GLY A 574 23.82 -17.21 11.61
C GLY A 574 23.67 -15.78 11.15
N GLY A 575 22.80 -15.06 11.88
CA GLY A 575 22.66 -13.62 11.68
C GLY A 575 21.33 -13.27 11.05
N GLY A 576 20.92 -12.05 11.33
CA GLY A 576 19.62 -11.59 10.83
C GLY A 576 18.47 -12.14 11.64
N HIS A 577 17.26 -11.87 11.16
CA HIS A 577 16.04 -12.25 11.83
C HIS A 577 15.03 -12.76 10.86
N VAL A 578 14.19 -13.65 11.38
CA VAL A 578 12.90 -13.93 10.73
C VAL A 578 11.94 -12.88 11.31
N SER A 579 11.48 -11.94 10.46
CA SER A 579 10.63 -10.84 10.96
C SER A 579 9.17 -11.28 11.16
N SER A 580 8.65 -12.04 10.19
CA SER A 580 7.26 -12.52 10.32
C SER A 580 7.12 -13.81 9.53
N MET A 581 6.14 -14.61 10.00
CA MET A 581 5.73 -15.88 9.38
C MET A 581 4.23 -15.89 9.36
N ILE A 582 3.69 -15.96 8.14
CA ILE A 582 2.23 -15.90 7.94
C ILE A 582 1.86 -17.03 7.00
N LEU A 583 0.82 -17.81 7.35
CA LEU A 583 0.31 -18.83 6.44
C LEU A 583 -0.86 -18.27 5.64
N GLN A 584 -0.82 -18.46 4.33
CA GLN A 584 -1.93 -18.08 3.44
C GLN A 584 -2.59 -19.37 2.96
N VAL A 585 -3.89 -19.44 3.13
CA VAL A 585 -4.67 -20.61 2.73
C VAL A 585 -5.79 -20.14 1.79
N GLU A 586 -5.86 -20.74 0.62
CA GLU A 586 -6.93 -20.47 -0.31
CA GLU A 586 -6.90 -20.48 -0.40
C GLU A 586 -7.76 -21.73 -0.43
N LYS A 587 -8.93 -21.72 0.22
CA LYS A 587 -9.71 -22.93 0.44
C LYS A 587 -11.03 -22.88 -0.33
N TYR A 588 -11.33 -23.93 -1.07
CA TYR A 588 -12.62 -24.07 -1.70
C TYR A 588 -13.74 -24.13 -0.70
N THR A 589 -14.77 -23.29 -0.90
CA THR A 589 -15.84 -23.09 0.04
C THR A 589 -17.12 -22.91 -0.74
N VAL A 590 -18.21 -23.36 -0.15
CA VAL A 590 -19.55 -22.98 -0.57
C VAL A 590 -19.87 -21.60 0.01
N SER A 591 -20.13 -20.66 -0.89
CA SER A 591 -20.44 -19.27 -0.52
C SER A 591 -19.30 -18.31 -0.93
C1 GLA B . 7.06 11.86 1.28
C2 GLA B . 6.39 13.24 1.48
C3 GLA B . 5.96 13.82 0.15
C4 GLA B . 7.04 13.71 -0.90
C5 GLA B . 7.48 12.25 -1.01
C6 GLA B . 8.37 12.06 -2.30
O1 GLA B . 6.21 10.80 1.08
O2 GLA B . 5.27 13.12 2.42
O3 GLA B . 5.71 15.20 0.25
O4 GLA B . 8.14 14.56 -0.56
O5 GLA B . 8.09 11.91 0.32
O6 GLA B . 7.47 11.68 -3.44
O1S L6S B . -0.06 16.71 -3.41
O2S L6S B . 1.28 17.96 -5.05
O3S L6S B . 0.45 19.02 -2.99
C1 L6S B . 4.39 15.70 0.94
C2 L6S B . 4.75 17.04 1.53
C3 L6S B . 5.10 18.02 0.39
C4 L6S B . 3.85 18.13 -0.57
C5 L6S B . 3.50 16.72 -1.06
C6 L6S B . 2.10 16.72 -1.71
O2 L6S B . 5.82 16.93 2.50
O3 L6S B . 5.45 19.31 0.89
O4 L6S B . 2.76 18.70 0.17
O5 L6S B . 3.35 15.75 -0.01
O6 L6S B . 2.20 17.38 -2.97
S1 L6S B . 0.88 17.77 -3.66
C1 GAL B . 2.41 20.02 -0.22
C2 GAL B . 0.99 20.26 0.22
C3 GAL B . 0.66 21.72 -0.11
C4 GAL B . 1.63 22.67 0.60
C5 GAL B . 3.04 22.23 0.22
C6 GAL B . 4.09 23.08 0.90
O2 GAL B . 0.06 19.35 -0.39
O3 GAL B . -0.68 21.92 0.30
O4 GAL B . 1.46 22.59 2.02
O5 GAL B . 3.24 20.85 0.56
O6 GAL B . 5.36 22.62 0.52
C1 AAL B . -1.26 23.15 -0.11
C2 AAL B . -2.67 22.95 -0.61
C3 AAL B . -3.35 24.29 -0.65
C4 AAL B . -3.36 24.84 0.75
C5 AAL B . -1.91 25.25 0.85
C6 AAL B . -1.63 25.91 -0.48
O2 AAL B . -3.38 22.05 0.21
O3 AAL B . -2.54 25.22 -1.38
O4 AAL B . -4.19 26.01 0.83
O5 AAL B . -1.11 24.07 0.97
C1 GAL B . -4.64 26.32 2.14
C2 GAL B . -4.71 27.83 2.22
C3 GAL B . -5.41 28.22 3.51
C4 GAL B . -6.75 27.50 3.60
C5 GAL B . -6.58 25.99 3.42
C6 GAL B . -7.89 25.21 3.43
O2 GAL B . -3.39 28.33 2.23
O3 GAL B . -5.57 29.62 3.52
O4 GAL B . -7.63 28.02 2.62
O5 GAL B . -5.91 25.71 2.19
O6 GAL B . -7.66 23.82 3.33
O1S L6S B . -9.99 28.76 8.35
O2S L6S B . -7.69 28.04 8.80
O3S L6S B . -9.19 26.62 7.43
C1 L6S B . -5.19 30.27 4.74
C2 L6S B . -5.06 31.79 4.49
C3 L6S B . -6.41 32.39 4.09
C4 L6S B . -7.46 32.04 5.15
C5 L6S B . -7.54 30.49 5.34
C6 L6S B . -8.48 30.11 6.45
O2 L6S B . -4.11 32.07 3.45
O3 L6S B . -6.31 33.80 3.97
O4 L6S B . -7.11 32.68 6.41
O5 L6S B . -6.21 29.91 5.67
O6 L6S B . -8.48 28.69 6.55
S1 L6S B . -8.81 28.02 7.81
CA CA C . 12.32 -12.10 -8.72
C1 GAL D . 7.06 11.86 1.28
C2 GAL D . 6.39 13.24 1.48
C3 GAL D . 5.96 13.82 0.15
C4 GAL D . 7.04 13.71 -0.90
C5 GAL D . 7.48 12.25 -1.01
C6 GAL D . 8.37 12.06 -2.30
O1 GAL D . 7.49 11.38 2.62
O2 GAL D . 5.27 13.12 2.42
O3 GAL D . 5.71 15.20 0.25
O4 GAL D . 8.14 14.56 -0.56
O5 GAL D . 8.09 11.91 0.32
O6 GAL D . 7.47 11.68 -3.44
CL CL E . 13.59 8.35 11.46
K K F . 9.58 5.51 9.33
K K G . -13.69 18.10 5.32
C1 EDO H . -0.64 -10.64 -25.99
O1 EDO H . 0.21 -9.53 -25.66
C2 EDO H . -1.30 -10.69 -27.35
O2 EDO H . -2.70 -10.54 -27.18
I IOD I . 8.93 9.04 9.39
I IOD J . -13.59 -8.40 4.93
I IOD K . -10.74 11.72 26.33
I IOD L . -20.29 -21.09 -4.38
I IOD M . -10.53 -2.68 5.98
I IOD N . 18.54 2.43 13.83
I IOD O . -6.57 -11.64 12.25
I IOD P . -0.24 -21.42 -12.61
I IOD Q . 10.01 -18.85 -11.23
I IOD R . 2.19 26.67 0.38
I IOD S . -2.68 32.65 -20.83
I IOD T . 12.69 -4.89 -22.81
I IOD U . -20.58 20.47 2.96
#